data_6SFO
#
_entry.id   6SFO
#
_cell.length_a   65.516
_cell.length_b   75.051
_cell.length_c   77.486
_cell.angle_alpha   90.000
_cell.angle_beta   90.000
_cell.angle_gamma   90.000
#
_symmetry.space_group_name_H-M   'P 21 21 21'
#
loop_
_entity.id
_entity.type
_entity.pdbx_description
1 polymer 'Mitogen-activated protein kinase 14'
2 non-polymer 'SODIUM ION'
3 non-polymer 5-azanyl-~{N}-[[4-(3-cyclohexylpropylcarbamoyl)phenyl]methyl]-1-phenyl-pyrazole-4-carboxamide
4 non-polymer GLYCEROL
5 water water
#
_entity_poly.entity_id   1
_entity_poly.type   'polypeptide(L)'
_entity_poly.pdbx_seq_one_letter_code
;GMSQERPTFYRQELNKTIWEVPERYQNLSPVGSGAYGSVCAAFDTKTGHRVAVKKLSRPFQSIIHAKRTYRELRLLKHMK
HENVIGLLDVFTPARSLEEFNDVYLVTHLMGADLNNIVKCQKLTDDHVQFLIYQILRGLKYIHSADIIHRDLKPSNLAVN
EDCELKILDFGLARHTDDEMTGYVATRWYRAPEIMLNWMHYNQTVDIWSVGCIMAELLTGRTLFPGTDHIDQLKLILRLV
GTPGAELLKKISSESARNYIQSLAQMPKMNFANVFIGANPLAVDLLEKMLVLDSDKRITAAQALAHAYFAQYHDPDDEPV
ADPYDQSFESRDLLIDEWKSLTYDEVISFVPPPLDQEEMES
;
_entity_poly.pdbx_strand_id   A
#
loop_
_chem_comp.id
_chem_comp.type
_chem_comp.name
_chem_comp.formula
GOL non-polymer GLYCEROL 'C3 H8 O3'
LBE non-polymer 5-azanyl-~{N}-[[4-(3-cyclohexylpropylcarbamoyl)phenyl]methyl]-1-phenyl-pyrazole-4-carboxamide 'C27 H33 N5 O2'
NA non-polymer 'SODIUM ION' 'Na 1'
#
# COMPACT_ATOMS: atom_id res chain seq x y z
N ARG A 6 -20.14 27.36 0.18
CA ARG A 6 -18.81 27.18 -0.48
C ARG A 6 -17.81 28.19 0.07
N PRO A 7 -16.59 27.75 0.42
CA PRO A 7 -15.63 28.62 1.10
C PRO A 7 -14.89 29.59 0.16
N THR A 8 -14.20 30.57 0.78
CA THR A 8 -13.31 31.52 0.08
C THR A 8 -11.94 30.85 -0.15
N PHE A 9 -11.48 30.92 -1.40
CA PHE A 9 -10.22 30.32 -1.91
C PHE A 9 -9.16 31.41 -2.04
N TYR A 10 -7.88 31.03 -2.03
CA TYR A 10 -6.75 31.95 -2.34
C TYR A 10 -5.76 31.20 -3.25
N ARG A 11 -5.06 31.97 -4.06
CA ARG A 11 -4.18 31.50 -5.15
C ARG A 11 -2.73 31.80 -4.76
N GLN A 12 -1.81 30.88 -5.01
CA GLN A 12 -0.34 31.12 -4.97
C GLN A 12 0.32 30.15 -5.95
N GLU A 13 1.60 30.35 -6.27
CA GLU A 13 2.44 29.47 -7.15
C GLU A 13 3.56 28.85 -6.30
N LEU A 14 3.67 27.52 -6.26
CA LEU A 14 4.70 26.80 -5.46
C LEU A 14 5.52 25.85 -6.34
N ASN A 15 6.84 26.10 -6.40
CA ASN A 15 7.85 25.29 -7.14
C ASN A 15 7.26 24.87 -8.49
N LYS A 16 6.69 25.83 -9.23
CA LYS A 16 6.30 25.73 -10.67
C LYS A 16 4.81 25.36 -10.80
N THR A 17 4.14 24.97 -9.71
CA THR A 17 2.71 24.56 -9.69
C THR A 17 1.85 25.67 -9.08
N ILE A 18 0.69 26.00 -9.68
CA ILE A 18 -0.34 26.92 -9.13
C ILE A 18 -1.20 26.14 -8.11
N TRP A 19 -1.61 26.77 -7.00
CA TRP A 19 -2.38 26.17 -5.87
C TRP A 19 -3.53 27.10 -5.50
N GLU A 20 -4.77 26.65 -5.67
CA GLU A 20 -5.98 27.45 -5.35
C GLU A 20 -6.75 26.67 -4.27
N VAL A 21 -6.66 27.12 -3.03
CA VAL A 21 -7.15 26.35 -1.86
C VAL A 21 -8.00 27.24 -0.96
N PRO A 22 -8.93 26.62 -0.23
CA PRO A 22 -9.68 27.34 0.79
C PRO A 22 -8.79 28.00 1.85
N GLU A 23 -9.18 29.20 2.27
CA GLU A 23 -8.44 29.97 3.30
C GLU A 23 -8.25 29.15 4.57
N ARG A 24 -9.13 28.19 4.82
CA ARG A 24 -9.03 27.20 5.94
C ARG A 24 -7.61 26.63 6.03
N TYR A 25 -6.99 26.34 4.88
CA TYR A 25 -5.61 25.78 4.76
C TYR A 25 -4.59 26.91 4.57
N GLN A 26 -3.66 27.04 5.52
CA GLN A 26 -2.67 28.14 5.57
C GLN A 26 -1.25 27.56 5.56
N ASN A 27 -0.28 28.37 5.17
CA ASN A 27 1.17 28.12 5.41
C ASN A 27 1.58 26.92 4.57
N LEU A 28 1.13 26.85 3.31
CA LEU A 28 1.45 25.72 2.40
C LEU A 28 2.97 25.66 2.18
N SER A 29 3.55 24.47 2.27
CA SER A 29 5.00 24.23 2.18
C SER A 29 5.24 22.92 1.45
N PRO A 30 5.81 22.94 0.23
CA PRO A 30 6.07 21.69 -0.49
C PRO A 30 6.82 20.69 0.40
N VAL A 31 6.47 19.41 0.33
CA VAL A 31 7.21 18.34 1.07
C VAL A 31 7.68 17.26 0.08
N GLY A 32 8.76 16.58 0.46
CA GLY A 32 9.44 15.54 -0.33
C GLY A 32 10.24 16.15 -1.45
N SER A 33 9.86 15.83 -2.68
CA SER A 33 10.01 16.65 -3.90
C SER A 33 8.89 16.22 -4.84
N GLY A 34 9.12 15.14 -5.59
CA GLY A 34 8.11 14.42 -6.38
C GLY A 34 7.84 13.05 -5.78
N ALA A 35 8.53 12.72 -4.68
CA ALA A 35 8.42 11.41 -3.99
C ALA A 35 6.93 11.07 -3.79
N TYR A 36 6.12 12.06 -3.41
CA TYR A 36 4.71 11.85 -2.98
C TYR A 36 3.72 12.37 -4.03
N GLY A 37 4.23 13.03 -5.07
CA GLY A 37 3.45 13.87 -6.00
C GLY A 37 3.61 15.36 -5.69
N SER A 38 2.66 16.19 -6.11
CA SER A 38 2.56 17.63 -5.76
C SER A 38 1.83 17.77 -4.42
N VAL A 39 2.58 17.71 -3.34
CA VAL A 39 2.02 17.68 -1.96
C VAL A 39 2.59 18.88 -1.19
N CYS A 40 1.74 19.56 -0.43
CA CYS A 40 2.15 20.62 0.51
C CYS A 40 1.73 20.24 1.93
N ALA A 41 2.62 20.38 2.90
CA ALA A 41 2.24 20.47 4.32
C ALA A 41 1.46 21.77 4.48
N ALA A 42 0.38 21.76 5.25
CA ALA A 42 -0.45 22.95 5.49
C ALA A 42 -0.94 22.95 6.94
N PHE A 43 -1.37 24.10 7.43
CA PHE A 43 -2.04 24.23 8.73
C PHE A 43 -3.56 24.36 8.47
N ASP A 44 -4.32 23.42 9.04
CA ASP A 44 -5.79 23.38 8.93
C ASP A 44 -6.38 24.23 10.06
N THR A 45 -6.86 25.42 9.76
CA THR A 45 -7.32 26.37 10.81
C THR A 45 -8.64 25.92 11.41
N LYS A 46 -9.37 25.02 10.76
CA LYS A 46 -10.66 24.50 11.30
C LYS A 46 -10.37 23.64 12.54
N THR A 47 -9.26 22.90 12.52
CA THR A 47 -8.96 21.82 13.50
C THR A 47 -7.70 22.16 14.31
N GLY A 48 -6.85 23.07 13.82
CA GLY A 48 -5.55 23.40 14.43
C GLY A 48 -4.53 22.28 14.28
N HIS A 49 -4.67 21.44 13.26
CA HIS A 49 -3.75 20.32 12.94
C HIS A 49 -2.99 20.63 11.65
N ARG A 50 -1.77 20.12 11.54
CA ARG A 50 -1.03 20.06 10.25
C ARG A 50 -1.69 19.01 9.37
N VAL A 51 -1.75 19.28 8.08
CA VAL A 51 -2.32 18.33 7.10
C VAL A 51 -1.39 18.31 5.89
N ALA A 52 -1.64 17.39 4.98
CA ALA A 52 -1.00 17.40 3.65
C ALA A 52 -2.10 17.64 2.63
N VAL A 53 -1.81 18.50 1.67
CA VAL A 53 -2.72 18.79 0.54
C VAL A 53 -1.99 18.31 -0.73
N LYS A 54 -2.64 17.39 -1.44
CA LYS A 54 -2.10 16.85 -2.71
C LYS A 54 -2.95 17.45 -3.82
N LYS A 55 -2.31 18.10 -4.76
CA LYS A 55 -2.98 18.55 -5.99
C LYS A 55 -2.72 17.52 -7.08
N LEU A 56 -3.75 16.90 -7.61
CA LEU A 56 -3.52 15.87 -8.65
C LEU A 56 -2.95 16.57 -9.89
N SER A 57 -2.06 15.85 -10.54
CA SER A 57 -1.37 16.29 -11.77
C SER A 57 -2.15 15.80 -12.99
N ARG A 58 -2.61 16.74 -13.82
CA ARG A 58 -3.35 16.49 -15.09
C ARG A 58 -4.36 15.37 -14.89
N PRO A 59 -5.28 15.52 -13.92
CA PRO A 59 -6.16 14.43 -13.53
C PRO A 59 -7.13 13.94 -14.65
N PHE A 60 -7.48 14.76 -15.63
CA PHE A 60 -8.45 14.37 -16.68
C PHE A 60 -7.86 14.52 -18.08
N GLN A 61 -6.54 14.34 -18.20
CA GLN A 61 -5.79 14.58 -19.46
C GLN A 61 -6.14 13.49 -20.48
N SER A 62 -6.41 12.28 -20.01
CA SER A 62 -6.75 11.14 -20.87
C SER A 62 -7.83 10.33 -20.18
N ILE A 63 -8.35 9.31 -20.86
CA ILE A 63 -9.28 8.36 -20.21
C ILE A 63 -8.57 7.70 -19.04
N ILE A 64 -7.32 7.29 -19.22
CA ILE A 64 -6.66 6.49 -18.16
C ILE A 64 -6.37 7.38 -16.93
N HIS A 65 -5.93 8.62 -17.13
CA HIS A 65 -5.73 9.58 -16.01
C HIS A 65 -7.06 9.77 -15.31
N ALA A 66 -8.13 9.96 -16.09
CA ALA A 66 -9.46 10.29 -15.52
C ALA A 66 -9.92 9.11 -14.66
N LYS A 67 -9.79 7.90 -15.15
CA LYS A 67 -10.16 6.70 -14.38
C LYS A 67 -9.26 6.56 -13.15
N ARG A 68 -7.94 6.77 -13.27
CA ARG A 68 -7.02 6.75 -12.09
C ARG A 68 -7.45 7.77 -11.05
N THR A 69 -7.82 8.98 -11.48
CA THR A 69 -8.28 10.04 -10.58
C THR A 69 -9.54 9.57 -9.82
N TYR A 70 -10.52 9.07 -10.56
CA TYR A 70 -11.76 8.52 -9.97
C TYR A 70 -11.40 7.44 -8.94
N ARG A 71 -10.55 6.51 -9.35
CA ARG A 71 -10.18 5.33 -8.53
C ARG A 71 -9.53 5.82 -7.24
N GLU A 72 -8.64 6.79 -7.36
CA GLU A 72 -7.93 7.28 -6.14
C GLU A 72 -8.95 7.91 -5.18
N LEU A 73 -9.85 8.70 -5.72
CA LEU A 73 -10.86 9.36 -4.87
C LEU A 73 -11.80 8.32 -4.27
N ARG A 74 -12.25 7.35 -5.05
CA ARG A 74 -13.14 6.30 -4.48
C ARG A 74 -12.43 5.58 -3.35
N LEU A 75 -11.18 5.16 -3.54
CA LEU A 75 -10.46 4.38 -2.52
C LEU A 75 -10.30 5.24 -1.28
N LEU A 76 -9.83 6.47 -1.45
CA LEU A 76 -9.60 7.39 -0.30
C LEU A 76 -10.89 7.60 0.48
N LYS A 77 -12.02 7.82 -0.22
CA LYS A 77 -13.30 8.10 0.47
C LYS A 77 -13.74 6.85 1.23
N HIS A 78 -13.28 5.68 0.83
CA HIS A 78 -13.69 4.42 1.48
C HIS A 78 -13.02 4.27 2.85
N MET A 79 -11.76 4.68 2.96
CA MET A 79 -10.84 4.16 4.00
C MET A 79 -11.16 4.83 5.33
N LYS A 80 -11.66 4.06 6.29
CA LYS A 80 -11.99 4.58 7.63
C LYS A 80 -11.40 3.61 8.64
N HIS A 81 -10.09 3.67 8.84
CA HIS A 81 -9.38 2.76 9.75
C HIS A 81 -8.13 3.46 10.25
N GLU A 82 -7.75 3.17 11.49
CA GLU A 82 -6.58 3.80 12.16
C GLU A 82 -5.29 3.56 11.35
N ASN A 83 -5.17 2.44 10.64
CA ASN A 83 -3.88 2.01 10.05
C ASN A 83 -3.90 2.19 8.55
N VAL A 84 -4.85 2.95 8.04
CA VAL A 84 -4.97 3.24 6.60
C VAL A 84 -5.14 4.74 6.46
N ILE A 85 -4.48 5.31 5.46
CA ILE A 85 -4.66 6.76 5.20
C ILE A 85 -6.15 7.01 4.95
N GLY A 86 -6.61 8.16 5.43
CA GLY A 86 -8.02 8.57 5.28
C GLY A 86 -8.11 9.95 4.62
N LEU A 87 -9.27 10.27 4.12
CA LEU A 87 -9.51 11.55 3.42
C LEU A 87 -10.13 12.53 4.42
N LEU A 88 -9.41 13.59 4.76
CA LEU A 88 -9.93 14.68 5.64
C LEU A 88 -10.78 15.64 4.84
N ASP A 89 -10.46 15.83 3.56
CA ASP A 89 -11.13 16.82 2.69
C ASP A 89 -10.72 16.55 1.24
N VAL A 90 -11.61 16.88 0.36
CA VAL A 90 -11.35 16.89 -1.10
C VAL A 90 -12.04 18.13 -1.62
N PHE A 91 -11.37 18.90 -2.44
CA PHE A 91 -11.99 20.15 -2.91
C PHE A 91 -11.49 20.49 -4.30
N THR A 92 -12.28 21.29 -4.98
CA THR A 92 -11.92 21.92 -6.28
C THR A 92 -12.28 23.37 -6.14
N PRO A 93 -11.47 24.29 -6.71
CA PRO A 93 -11.88 25.68 -6.85
C PRO A 93 -13.04 25.89 -7.82
N ALA A 94 -13.40 24.88 -8.60
CA ALA A 94 -14.46 24.97 -9.64
C ALA A 94 -15.83 25.08 -8.98
N ARG A 95 -16.72 25.91 -9.52
CA ARG A 95 -18.10 26.11 -9.01
C ARG A 95 -19.10 25.21 -9.75
N SER A 96 -18.65 24.53 -10.81
CA SER A 96 -19.51 23.71 -11.72
C SER A 96 -18.63 22.62 -12.36
N LEU A 97 -19.34 21.57 -12.85
CA LEU A 97 -18.71 20.48 -13.63
C LEU A 97 -17.98 21.05 -14.86
N GLU A 98 -18.56 22.02 -15.59
CA GLU A 98 -17.90 22.51 -16.84
C GLU A 98 -16.55 23.17 -16.45
N GLU A 99 -16.51 23.86 -15.29
CA GLU A 99 -15.31 24.57 -14.76
C GLU A 99 -14.32 23.57 -14.12
N PHE A 100 -14.75 22.33 -13.87
CA PHE A 100 -14.01 21.34 -13.04
C PHE A 100 -12.76 20.85 -13.77
N ASN A 101 -11.57 21.10 -13.24
CA ASN A 101 -10.33 20.59 -13.88
C ASN A 101 -9.27 20.16 -12.86
N ASP A 102 -9.43 20.54 -11.60
CA ASP A 102 -8.37 20.35 -10.57
C ASP A 102 -8.99 19.68 -9.35
N VAL A 103 -8.23 18.77 -8.76
CA VAL A 103 -8.69 17.97 -7.60
C VAL A 103 -7.61 18.07 -6.56
N TYR A 104 -7.98 18.51 -5.37
CA TYR A 104 -7.06 18.52 -4.22
C TYR A 104 -7.59 17.50 -3.22
N LEU A 105 -6.67 16.76 -2.63
CA LEU A 105 -6.96 15.82 -1.54
C LEU A 105 -6.22 16.27 -0.30
N VAL A 106 -6.88 16.15 0.84
CA VAL A 106 -6.29 16.53 2.15
C VAL A 106 -6.31 15.28 3.02
N THR A 107 -5.15 15.00 3.60
CA THR A 107 -4.94 13.87 4.54
C THR A 107 -4.19 14.41 5.73
N HIS A 108 -4.13 13.60 6.80
CA HIS A 108 -3.16 13.76 7.88
C HIS A 108 -1.77 13.93 7.26
N LEU A 109 -0.95 14.76 7.88
CA LEU A 109 0.50 14.78 7.60
C LEU A 109 1.17 13.68 8.43
N MET A 110 1.79 12.70 7.77
CA MET A 110 2.51 11.57 8.45
C MET A 110 3.97 11.98 8.71
N GLY A 111 4.67 11.37 9.68
CA GLY A 111 5.97 11.91 10.14
C GLY A 111 7.15 11.44 9.29
N ALA A 112 7.21 10.14 8.96
CA ALA A 112 8.34 9.50 8.24
C ALA A 112 7.82 8.21 7.59
N ASP A 113 8.47 7.74 6.54
CA ASP A 113 8.14 6.43 5.92
C ASP A 113 9.10 5.42 6.56
N LEU A 114 8.82 4.13 6.38
CA LEU A 114 9.60 3.04 6.98
C LEU A 114 10.94 2.88 6.24
N ASN A 115 11.04 3.40 5.02
CA ASN A 115 12.30 3.41 4.22
C ASN A 115 13.28 4.31 4.96
N ASN A 116 12.82 5.52 5.30
CA ASN A 116 13.54 6.61 6.01
C ASN A 116 13.50 6.38 7.52
N ILE A 117 13.46 5.12 7.98
CA ILE A 117 13.49 4.71 9.43
C ILE A 117 14.43 3.51 9.58
N VAL A 118 14.05 2.36 9.00
CA VAL A 118 14.83 1.08 9.05
C VAL A 118 16.31 1.43 9.25
N GLN A 121 20.03 0.59 9.71
CA GLN A 121 19.83 0.23 11.14
C GLN A 121 18.76 -0.86 11.28
N LYS A 122 18.87 -1.69 12.32
CA LYS A 122 17.79 -2.60 12.79
C LYS A 122 16.79 -1.80 13.63
N LEU A 123 15.58 -2.33 13.79
CA LEU A 123 14.62 -1.98 14.88
C LEU A 123 14.67 -3.06 15.95
N THR A 124 14.27 -2.71 17.18
CA THR A 124 14.03 -3.67 18.30
C THR A 124 12.89 -4.62 17.92
N ASP A 125 12.88 -5.83 18.49
CA ASP A 125 11.82 -6.84 18.20
C ASP A 125 10.48 -6.25 18.63
N ASP A 126 10.43 -5.51 19.75
CA ASP A 126 9.14 -4.92 20.20
C ASP A 126 8.62 -3.95 19.15
N HIS A 127 9.48 -3.13 18.53
CA HIS A 127 9.05 -2.13 17.51
C HIS A 127 8.63 -2.88 16.24
N VAL A 128 9.33 -3.96 15.89
CA VAL A 128 8.87 -4.82 14.76
C VAL A 128 7.48 -5.37 15.06
N GLN A 129 7.27 -5.98 16.23
CA GLN A 129 5.95 -6.52 16.58
C GLN A 129 4.88 -5.45 16.35
N PHE A 130 5.09 -4.25 16.88
CA PHE A 130 4.02 -3.23 16.84
C PHE A 130 3.80 -2.76 15.39
N LEU A 131 4.87 -2.56 14.63
CA LEU A 131 4.70 -2.04 13.26
C LEU A 131 4.05 -3.09 12.37
N ILE A 132 4.51 -4.34 12.47
CA ILE A 132 3.91 -5.39 11.57
C ILE A 132 2.46 -5.63 12.02
N TYR A 133 2.19 -5.54 13.32
CA TYR A 133 0.84 -5.75 13.83
C TYR A 133 -0.08 -4.73 13.15
N GLN A 134 0.36 -3.47 13.13
CA GLN A 134 -0.49 -2.40 12.56
C GLN A 134 -0.66 -2.59 11.05
N ILE A 135 0.40 -2.96 10.36
CA ILE A 135 0.27 -3.24 8.91
C ILE A 135 -0.80 -4.31 8.72
N LEU A 136 -0.72 -5.39 9.47
CA LEU A 136 -1.64 -6.53 9.29
C LEU A 136 -3.06 -6.12 9.66
N ARG A 137 -3.21 -5.28 10.68
CA ARG A 137 -4.53 -4.77 11.09
C ARG A 137 -5.12 -3.96 9.94
N GLY A 138 -4.35 -3.05 9.32
CA GLY A 138 -4.80 -2.28 8.15
C GLY A 138 -5.14 -3.21 7.00
N LEU A 139 -4.28 -4.18 6.76
CA LEU A 139 -4.52 -5.13 5.62
C LEU A 139 -5.78 -5.94 5.89
N LYS A 140 -6.04 -6.35 7.12
CA LYS A 140 -7.26 -7.14 7.37
C LYS A 140 -8.44 -6.28 6.91
N TYR A 141 -8.40 -5.00 7.25
CA TYR A 141 -9.44 -4.03 6.88
C TYR A 141 -9.56 -3.91 5.35
N ILE A 142 -8.49 -3.57 4.63
N ILE A 142 -8.44 -3.61 4.69
CA ILE A 142 -8.70 -3.35 3.16
CA ILE A 142 -8.40 -3.39 3.21
C ILE A 142 -8.99 -4.70 2.49
C ILE A 142 -8.92 -4.66 2.52
N HIS A 143 -8.35 -5.79 2.92
CA HIS A 143 -8.67 -7.12 2.34
C HIS A 143 -10.14 -7.47 2.54
N SER A 144 -10.75 -7.04 3.64
CA SER A 144 -12.17 -7.36 3.92
C SER A 144 -13.09 -6.65 2.93
N ALA A 145 -12.60 -5.60 2.27
CA ALA A 145 -13.37 -4.82 1.27
C ALA A 145 -13.02 -5.33 -0.14
N ASP A 146 -12.23 -6.39 -0.23
CA ASP A 146 -11.75 -7.00 -1.51
C ASP A 146 -10.89 -5.97 -2.24
N ILE A 147 -10.20 -5.17 -1.47
CA ILE A 147 -9.17 -4.27 -2.01
C ILE A 147 -7.83 -4.96 -1.81
N ILE A 148 -7.00 -4.95 -2.84
CA ILE A 148 -5.61 -5.45 -2.70
C ILE A 148 -4.68 -4.29 -2.93
N HIS A 149 -3.70 -4.12 -2.05
CA HIS A 149 -2.77 -2.99 -2.18
C HIS A 149 -1.92 -3.18 -3.44
N ARG A 150 -1.21 -4.31 -3.51
CA ARG A 150 -0.42 -4.77 -4.66
C ARG A 150 0.93 -4.07 -4.75
N ASP A 151 1.19 -3.02 -3.99
CA ASP A 151 2.51 -2.37 -4.04
C ASP A 151 2.96 -2.00 -2.63
N LEU A 152 2.77 -2.90 -1.69
CA LEU A 152 3.22 -2.65 -0.30
C LEU A 152 4.74 -2.72 -0.27
N LYS A 153 5.36 -1.71 0.33
CA LYS A 153 6.83 -1.59 0.42
C LYS A 153 7.07 -0.51 1.46
N PRO A 154 8.29 -0.39 1.99
CA PRO A 154 8.50 0.52 3.13
C PRO A 154 8.14 1.99 2.84
N SER A 155 8.32 2.45 1.60
CA SER A 155 8.02 3.84 1.22
C SER A 155 6.52 4.12 1.21
N ASN A 156 5.66 3.09 1.25
CA ASN A 156 4.17 3.21 1.26
C ASN A 156 3.66 3.05 2.69
N LEU A 157 4.54 3.08 3.68
CA LEU A 157 4.14 2.95 5.10
C LEU A 157 4.68 4.16 5.82
N ALA A 158 3.81 4.84 6.54
CA ALA A 158 4.18 6.07 7.25
C ALA A 158 3.95 5.86 8.74
N VAL A 159 4.78 6.49 9.55
CA VAL A 159 4.81 6.17 10.99
C VAL A 159 5.09 7.49 11.68
N ASN A 160 4.27 7.87 12.64
CA ASN A 160 4.50 9.09 13.47
C ASN A 160 5.50 8.75 14.61
N GLU A 161 5.89 9.77 15.39
CA GLU A 161 6.94 9.66 16.46
C GLU A 161 6.48 8.65 17.54
N ASP A 162 5.16 8.47 17.59
CA ASP A 162 4.37 7.61 18.52
C ASP A 162 4.33 6.16 17.98
N CYS A 163 4.92 5.92 16.81
CA CYS A 163 5.03 4.59 16.14
C CYS A 163 3.67 4.14 15.61
N GLU A 164 2.67 5.02 15.54
CA GLU A 164 1.39 4.69 14.89
C GLU A 164 1.66 4.68 13.38
N LEU A 165 1.16 3.67 12.72
CA LEU A 165 1.51 3.41 11.31
C LEU A 165 0.24 3.52 10.47
N LYS A 166 0.38 4.05 9.26
CA LYS A 166 -0.71 4.02 8.27
C LYS A 166 -0.17 3.44 6.96
N ILE A 167 -1.02 2.62 6.35
CA ILE A 167 -0.78 2.16 4.95
C ILE A 167 -1.24 3.23 3.99
N LEU A 168 -0.42 3.55 2.98
CA LEU A 168 -0.74 4.53 1.93
C LEU A 168 -0.36 3.89 0.58
N ASP A 169 -0.65 4.57 -0.50
CA ASP A 169 -0.01 4.22 -1.80
C ASP A 169 0.29 5.52 -2.51
N PHE A 170 1.55 5.92 -2.51
CA PHE A 170 1.99 7.16 -3.17
C PHE A 170 1.99 6.96 -4.69
N GLY A 171 1.97 5.72 -5.18
CA GLY A 171 2.14 5.39 -6.63
C GLY A 171 0.83 5.26 -7.40
N VAL A 184 13.60 1.98 -3.08
CA VAL A 184 12.49 1.00 -2.90
C VAL A 184 11.94 0.60 -4.27
N ALA A 185 12.65 -0.29 -4.99
CA ALA A 185 12.11 -1.01 -6.16
C ALA A 185 10.91 -1.84 -5.68
N THR A 186 9.77 -1.70 -6.36
CA THR A 186 8.54 -2.48 -6.11
C THR A 186 8.87 -3.97 -6.14
N ARG A 187 9.71 -4.39 -7.10
CA ARG A 187 9.98 -5.81 -7.43
C ARG A 187 10.53 -6.48 -6.15
N TRP A 188 11.27 -5.74 -5.33
CA TRP A 188 11.93 -6.32 -4.11
C TRP A 188 10.87 -6.92 -3.18
N TYR A 189 9.67 -6.34 -3.15
CA TYR A 189 8.63 -6.70 -2.16
C TYR A 189 7.51 -7.46 -2.84
N ARG A 190 7.67 -7.79 -4.10
CA ARG A 190 6.51 -8.31 -4.86
C ARG A 190 6.47 -9.85 -4.85
N ALA A 191 5.27 -10.41 -4.65
CA ALA A 191 5.03 -11.87 -4.59
C ALA A 191 5.40 -12.50 -5.90
N PRO A 192 6.06 -13.67 -5.90
CA PRO A 192 6.52 -14.29 -7.14
C PRO A 192 5.34 -14.53 -8.11
N GLU A 193 4.14 -14.87 -7.62
CA GLU A 193 3.01 -15.24 -8.52
C GLU A 193 2.60 -14.02 -9.35
N ILE A 194 2.92 -12.80 -8.92
CA ILE A 194 2.60 -11.58 -9.72
C ILE A 194 3.88 -10.87 -10.13
N MET A 195 5.00 -11.60 -10.22
CA MET A 195 6.27 -10.99 -10.69
C MET A 195 6.12 -10.83 -12.20
N LEU A 196 5.48 -11.81 -12.85
CA LEU A 196 5.15 -11.89 -14.30
C LEU A 196 3.82 -12.66 -14.45
N ASN A 197 3.09 -12.48 -15.56
CA ASN A 197 1.83 -13.21 -15.93
C ASN A 197 0.76 -13.14 -14.82
N TRP A 198 0.24 -11.95 -14.52
CA TRP A 198 -0.54 -11.57 -13.30
C TRP A 198 -2.03 -11.99 -13.37
N MET A 199 -2.34 -13.21 -13.84
CA MET A 199 -3.72 -13.67 -14.16
C MET A 199 -4.33 -14.52 -13.02
N HIS A 200 -3.55 -14.82 -11.98
CA HIS A 200 -3.95 -15.72 -10.86
C HIS A 200 -3.24 -15.25 -9.60
N TYR A 201 -3.96 -14.54 -8.74
CA TYR A 201 -3.43 -14.17 -7.42
C TYR A 201 -4.59 -13.85 -6.48
N ASN A 202 -4.24 -13.67 -5.20
CA ASN A 202 -5.22 -13.41 -4.13
C ASN A 202 -4.67 -12.26 -3.29
N GLN A 203 -5.41 -11.92 -2.26
CA GLN A 203 -5.05 -10.86 -1.30
C GLN A 203 -3.67 -11.15 -0.72
N THR A 204 -3.23 -12.42 -0.65
CA THR A 204 -1.97 -12.69 0.10
C THR A 204 -0.75 -12.24 -0.73
N VAL A 205 -0.89 -11.70 -1.95
CA VAL A 205 0.28 -10.98 -2.56
C VAL A 205 0.74 -9.93 -1.55
N ASP A 206 -0.18 -9.32 -0.80
CA ASP A 206 0.22 -8.24 0.14
C ASP A 206 0.93 -8.83 1.36
N ILE A 207 0.55 -10.02 1.76
CA ILE A 207 1.17 -10.73 2.90
C ILE A 207 2.63 -11.10 2.53
N TRP A 208 2.90 -11.47 1.30
CA TRP A 208 4.31 -11.66 0.83
C TRP A 208 5.10 -10.38 1.11
N SER A 209 4.55 -9.25 0.68
CA SER A 209 5.23 -7.95 0.81
C SER A 209 5.47 -7.71 2.29
N VAL A 210 4.49 -7.99 3.15
CA VAL A 210 4.68 -7.78 4.62
C VAL A 210 5.84 -8.65 5.11
N GLY A 211 5.92 -9.92 4.66
CA GLY A 211 7.05 -10.78 5.03
C GLY A 211 8.38 -10.15 4.64
N CYS A 212 8.48 -9.58 3.45
CA CYS A 212 9.72 -8.96 2.95
C CYS A 212 10.05 -7.73 3.81
N ILE A 213 9.01 -6.98 4.17
CA ILE A 213 9.20 -5.75 5.00
C ILE A 213 9.65 -6.13 6.39
N MET A 214 9.00 -7.12 7.00
CA MET A 214 9.30 -7.55 8.38
C MET A 214 10.74 -8.10 8.43
N ALA A 215 11.15 -8.89 7.43
CA ALA A 215 12.52 -9.44 7.35
C ALA A 215 13.52 -8.28 7.38
N GLU A 216 13.28 -7.24 6.57
CA GLU A 216 14.14 -6.05 6.46
C GLU A 216 14.12 -5.21 7.75
N LEU A 217 12.98 -5.10 8.44
CA LEU A 217 12.98 -4.43 9.79
C LEU A 217 13.82 -5.22 10.78
N LEU A 218 13.78 -6.54 10.74
CA LEU A 218 14.50 -7.40 11.71
C LEU A 218 16.00 -7.38 11.42
N THR A 219 16.40 -7.34 10.15
CA THR A 219 17.81 -7.60 9.73
C THR A 219 18.54 -6.31 9.32
N GLY A 220 17.81 -5.27 8.94
CA GLY A 220 18.41 -4.05 8.37
C GLY A 220 18.73 -4.18 6.89
N ARG A 221 18.35 -5.28 6.25
CA ARG A 221 18.77 -5.57 4.86
C ARG A 221 17.55 -5.94 4.04
N THR A 222 17.50 -5.48 2.80
CA THR A 222 16.50 -5.93 1.83
C THR A 222 16.61 -7.46 1.75
N LEU A 223 15.49 -8.16 1.82
CA LEU A 223 15.51 -9.63 1.82
C LEU A 223 15.87 -10.13 0.42
N PHE A 224 15.25 -9.55 -0.61
CA PHE A 224 15.39 -10.03 -2.01
C PHE A 224 15.70 -8.87 -2.94
N PRO A 225 16.93 -8.33 -2.89
CA PRO A 225 17.27 -7.15 -3.69
C PRO A 225 17.59 -7.52 -5.15
N GLY A 226 16.59 -8.05 -5.87
CA GLY A 226 16.73 -8.47 -7.28
C GLY A 226 17.10 -7.28 -8.17
N THR A 227 17.95 -7.50 -9.19
CA THR A 227 18.37 -6.44 -10.15
C THR A 227 17.37 -6.36 -11.31
N ASP A 228 16.51 -7.38 -11.46
CA ASP A 228 15.50 -7.51 -12.53
C ASP A 228 14.55 -8.65 -12.14
N HIS A 229 13.52 -8.93 -12.95
CA HIS A 229 12.45 -9.86 -12.55
C HIS A 229 13.01 -11.29 -12.44
N ILE A 230 13.99 -11.62 -13.27
CA ILE A 230 14.58 -12.98 -13.32
C ILE A 230 15.51 -13.15 -12.11
N ASP A 231 16.36 -12.17 -11.82
CA ASP A 231 17.21 -12.16 -10.62
C ASP A 231 16.30 -12.18 -9.36
N GLN A 232 15.20 -11.46 -9.41
CA GLN A 232 14.25 -11.41 -8.28
C GLN A 232 13.71 -12.83 -7.99
N LEU A 233 13.28 -13.56 -9.01
CA LEU A 233 12.75 -14.93 -8.80
C LEU A 233 13.87 -15.84 -8.29
N LYS A 234 15.09 -15.68 -8.82
CA LYS A 234 16.25 -16.50 -8.41
C LYS A 234 16.49 -16.30 -6.91
N LEU A 235 16.52 -15.05 -6.42
CA LEU A 235 16.77 -14.76 -4.99
C LEU A 235 15.64 -15.37 -4.16
N ILE A 236 14.40 -15.24 -4.60
CA ILE A 236 13.22 -15.74 -3.85
C ILE A 236 13.31 -17.26 -3.74
N LEU A 237 13.59 -17.96 -4.84
CA LEU A 237 13.58 -19.44 -4.83
C LEU A 237 14.78 -19.94 -4.01
N ARG A 238 15.89 -19.20 -3.98
CA ARG A 238 17.04 -19.52 -3.12
C ARG A 238 16.58 -19.68 -1.67
N LEU A 239 15.73 -18.81 -1.15
CA LEU A 239 15.23 -18.89 0.24
C LEU A 239 14.11 -19.92 0.36
N VAL A 240 13.09 -19.85 -0.49
CA VAL A 240 11.83 -20.61 -0.25
C VAL A 240 11.86 -21.95 -0.99
N GLY A 241 12.85 -22.18 -1.85
CA GLY A 241 12.98 -23.42 -2.62
C GLY A 241 12.16 -23.37 -3.88
N THR A 242 12.52 -24.20 -4.85
CA THR A 242 11.77 -24.35 -6.13
C THR A 242 10.41 -24.96 -5.84
N PRO A 243 9.38 -24.62 -6.64
CA PRO A 243 8.05 -25.22 -6.47
C PRO A 243 8.10 -26.73 -6.27
N GLY A 244 7.34 -27.21 -5.29
CA GLY A 244 7.02 -28.64 -5.15
C GLY A 244 6.09 -29.11 -6.26
N ALA A 245 5.88 -30.42 -6.30
CA ALA A 245 4.89 -31.11 -7.15
C ALA A 245 3.50 -30.46 -6.99
N GLU A 246 3.03 -30.24 -5.76
CA GLU A 246 1.68 -29.71 -5.45
C GLU A 246 1.51 -28.31 -6.07
N LEU A 247 2.52 -27.45 -5.97
CA LEU A 247 2.41 -26.09 -6.52
C LEU A 247 2.54 -26.16 -8.04
N LEU A 248 3.46 -26.95 -8.56
CA LEU A 248 3.70 -27.03 -10.02
C LEU A 248 2.40 -27.44 -10.72
N LYS A 249 1.57 -28.31 -10.10
CA LYS A 249 0.28 -28.77 -10.70
C LYS A 249 -0.69 -27.60 -10.91
N LYS A 250 -0.46 -26.47 -10.25
CA LYS A 250 -1.40 -25.31 -10.25
C LYS A 250 -0.91 -24.20 -11.18
N ILE A 251 0.21 -24.39 -11.87
CA ILE A 251 0.77 -23.37 -12.79
C ILE A 251 0.22 -23.65 -14.21
N SER A 252 -0.64 -22.76 -14.69
CA SER A 252 -1.38 -22.89 -15.98
C SER A 252 -0.52 -22.37 -17.13
N SER A 253 0.37 -21.41 -16.88
CA SER A 253 1.27 -20.87 -17.94
C SER A 253 2.35 -21.90 -18.29
N GLU A 254 2.35 -22.40 -19.52
CA GLU A 254 3.38 -23.29 -20.07
C GLU A 254 4.77 -22.62 -19.99
N SER A 255 4.87 -21.33 -20.33
CA SER A 255 6.16 -20.58 -20.26
C SER A 255 6.67 -20.59 -18.82
N ALA A 256 5.80 -20.25 -17.87
CA ALA A 256 6.11 -20.26 -16.42
C ALA A 256 6.60 -21.65 -16.02
N ARG A 257 5.86 -22.69 -16.43
CA ARG A 257 6.20 -24.09 -16.03
C ARG A 257 7.56 -24.47 -16.60
N ASN A 258 7.82 -24.10 -17.85
N ASN A 258 7.80 -24.10 -17.85
CA ASN A 258 9.09 -24.44 -18.54
CA ASN A 258 9.07 -24.43 -18.54
C ASN A 258 10.26 -23.73 -17.83
C ASN A 258 10.24 -23.74 -17.81
N TYR A 259 10.10 -22.42 -17.52
CA TYR A 259 11.08 -21.66 -16.71
C TYR A 259 11.37 -22.41 -15.39
N ILE A 260 10.33 -22.65 -14.58
CA ILE A 260 10.46 -23.32 -13.25
C ILE A 260 11.19 -24.64 -13.40
N GLN A 261 10.72 -25.49 -14.31
CA GLN A 261 11.20 -26.89 -14.35
C GLN A 261 12.54 -26.96 -15.07
N SER A 262 13.05 -25.82 -15.59
N SER A 262 13.04 -25.82 -15.58
CA SER A 262 14.42 -25.75 -16.21
CA SER A 262 14.38 -25.70 -16.22
C SER A 262 15.44 -25.32 -15.15
C SER A 262 15.43 -25.26 -15.18
N LEU A 263 14.97 -24.89 -13.97
CA LEU A 263 15.90 -24.51 -12.88
C LEU A 263 16.41 -25.80 -12.23
N ALA A 264 17.69 -25.82 -11.84
CA ALA A 264 18.20 -26.88 -10.95
C ALA A 264 17.43 -26.73 -9.63
N GLN A 265 16.91 -27.85 -9.13
CA GLN A 265 16.05 -27.93 -7.93
C GLN A 265 16.76 -27.27 -6.74
N MET A 266 15.99 -26.63 -5.86
CA MET A 266 16.52 -25.95 -4.65
C MET A 266 15.61 -26.21 -3.47
N PRO A 267 16.21 -26.62 -2.33
CA PRO A 267 15.46 -26.85 -1.10
C PRO A 267 15.05 -25.54 -0.45
N LYS A 268 13.89 -25.52 0.17
CA LYS A 268 13.48 -24.51 1.16
C LYS A 268 14.58 -24.43 2.21
N MET A 269 15.08 -23.24 2.48
CA MET A 269 16.02 -23.02 3.61
C MET A 269 15.24 -23.15 4.94
N ASN A 270 15.91 -23.57 6.00
CA ASN A 270 15.37 -23.41 7.39
C ASN A 270 15.51 -21.93 7.75
N PHE A 271 14.40 -21.21 7.90
CA PHE A 271 14.46 -19.74 8.15
C PHE A 271 15.22 -19.43 9.46
N ALA A 272 15.21 -20.35 10.42
CA ALA A 272 15.99 -20.19 11.67
C ALA A 272 17.47 -19.97 11.34
N ASN A 273 17.99 -20.63 10.31
CA ASN A 273 19.42 -20.56 9.89
C ASN A 273 19.67 -19.28 9.08
N VAL A 274 18.61 -18.61 8.61
CA VAL A 274 18.75 -17.35 7.83
C VAL A 274 18.62 -16.13 8.76
N PHE A 275 17.60 -16.11 9.61
CA PHE A 275 17.27 -14.97 10.51
C PHE A 275 17.87 -15.29 11.87
N ILE A 276 19.16 -15.58 11.88
CA ILE A 276 19.86 -16.13 13.08
C ILE A 276 19.73 -15.07 14.17
N GLY A 277 19.31 -15.49 15.38
CA GLY A 277 19.16 -14.60 16.55
C GLY A 277 17.80 -13.93 16.63
N ALA A 278 16.94 -14.05 15.61
CA ALA A 278 15.59 -13.44 15.64
C ALA A 278 14.72 -14.16 16.68
N ASN A 279 13.71 -13.47 17.20
CA ASN A 279 12.64 -14.10 18.01
C ASN A 279 12.10 -15.28 17.21
N PRO A 280 12.08 -16.52 17.76
CA PRO A 280 11.60 -17.69 17.04
C PRO A 280 10.16 -17.54 16.57
N LEU A 281 9.38 -16.74 17.28
CA LEU A 281 7.97 -16.49 16.86
C LEU A 281 7.98 -15.60 15.60
N ALA A 282 8.91 -14.65 15.49
CA ALA A 282 9.03 -13.81 14.29
C ALA A 282 9.44 -14.71 13.11
N VAL A 283 10.36 -15.64 13.35
CA VAL A 283 10.84 -16.56 12.29
C VAL A 283 9.67 -17.44 11.84
N ASP A 284 8.83 -17.87 12.79
CA ASP A 284 7.74 -18.81 12.49
C ASP A 284 6.71 -18.04 11.65
N LEU A 285 6.46 -16.78 11.98
CA LEU A 285 5.50 -15.96 11.20
C LEU A 285 6.08 -15.69 9.80
N LEU A 286 7.38 -15.44 9.67
CA LEU A 286 7.99 -15.23 8.33
C LEU A 286 7.80 -16.49 7.50
N GLU A 287 8.01 -17.66 8.09
CA GLU A 287 7.81 -18.93 7.35
CA GLU A 287 7.80 -18.96 7.39
C GLU A 287 6.38 -18.99 6.79
N LYS A 288 5.40 -18.49 7.53
CA LYS A 288 3.98 -18.57 7.14
C LYS A 288 3.65 -17.49 6.09
N MET A 289 4.36 -16.37 6.11
CA MET A 289 4.13 -15.28 5.12
C MET A 289 4.88 -15.55 3.82
N LEU A 290 6.08 -16.14 3.86
CA LEU A 290 6.88 -16.25 2.63
C LEU A 290 6.75 -17.67 2.08
N VAL A 291 5.54 -18.20 2.10
CA VAL A 291 5.19 -19.49 1.44
C VAL A 291 4.98 -19.20 -0.03
N LEU A 292 5.57 -20.04 -0.86
CA LEU A 292 5.56 -19.81 -2.31
C LEU A 292 4.13 -19.97 -2.83
N ASP A 293 3.45 -21.03 -2.40
CA ASP A 293 2.05 -21.33 -2.76
C ASP A 293 1.12 -20.34 -2.06
N SER A 294 0.48 -19.46 -2.84
CA SER A 294 -0.40 -18.38 -2.30
C SER A 294 -1.68 -18.97 -1.71
N ASP A 295 -2.04 -20.19 -2.06
CA ASP A 295 -3.20 -20.88 -1.43
C ASP A 295 -2.82 -21.20 0.02
N LYS A 296 -1.55 -21.24 0.37
CA LYS A 296 -1.14 -21.78 1.69
C LYS A 296 -0.62 -20.64 2.57
N ARG A 297 -0.42 -19.49 1.98
CA ARG A 297 0.16 -18.31 2.66
C ARG A 297 -0.84 -17.80 3.70
N ILE A 298 -0.35 -17.43 4.88
CA ILE A 298 -1.20 -16.87 5.94
C ILE A 298 -1.95 -15.61 5.45
N THR A 299 -3.18 -15.42 5.90
CA THR A 299 -3.96 -14.22 5.60
C THR A 299 -3.64 -13.15 6.66
N ALA A 300 -4.10 -11.94 6.45
CA ALA A 300 -3.90 -10.88 7.46
C ALA A 300 -4.66 -11.25 8.73
N ALA A 301 -5.92 -11.69 8.64
CA ALA A 301 -6.75 -12.04 9.81
C ALA A 301 -6.07 -13.16 10.60
N GLN A 302 -5.60 -14.19 9.91
CA GLN A 302 -4.88 -15.30 10.58
C GLN A 302 -3.63 -14.73 11.27
N ALA A 303 -2.85 -13.90 10.58
CA ALA A 303 -1.53 -13.45 11.08
C ALA A 303 -1.73 -12.62 12.34
N LEU A 304 -2.86 -11.91 12.46
CA LEU A 304 -3.08 -11.09 13.68
C LEU A 304 -3.19 -11.98 14.92
N ALA A 305 -3.67 -13.23 14.77
CA ALA A 305 -3.89 -14.20 15.86
C ALA A 305 -2.59 -14.98 16.14
N HIS A 306 -1.50 -14.68 15.44
CA HIS A 306 -0.20 -15.39 15.59
C HIS A 306 0.39 -14.98 16.95
N ALA A 307 1.04 -15.92 17.61
CA ALA A 307 1.60 -15.72 18.95
C ALA A 307 2.58 -14.53 18.98
N TYR A 308 3.25 -14.22 17.86
CA TYR A 308 4.17 -13.08 17.75
C TYR A 308 3.49 -11.78 18.18
N PHE A 309 2.16 -11.63 18.00
CA PHE A 309 1.44 -10.38 18.30
C PHE A 309 0.66 -10.47 19.61
N ALA A 310 1.00 -11.40 20.49
CA ALA A 310 0.29 -11.65 21.76
C ALA A 310 0.08 -10.35 22.53
N GLN A 311 1.06 -9.43 22.43
CA GLN A 311 1.17 -8.18 23.23
C GLN A 311 0.13 -7.17 22.73
N TYR A 312 -0.31 -7.29 21.47
CA TYR A 312 -1.09 -6.25 20.75
C TYR A 312 -2.44 -6.78 20.24
N HIS A 313 -2.54 -8.07 19.93
CA HIS A 313 -3.75 -8.66 19.29
C HIS A 313 -4.96 -8.40 20.20
N ASP A 314 -6.00 -7.78 19.65
CA ASP A 314 -7.30 -7.65 20.33
C ASP A 314 -8.39 -7.98 19.32
N PRO A 315 -8.96 -9.20 19.34
CA PRO A 315 -9.89 -9.63 18.29
C PRO A 315 -11.18 -8.81 18.28
N ASP A 316 -11.41 -7.96 19.30
CA ASP A 316 -12.56 -7.01 19.36
C ASP A 316 -12.17 -5.64 18.82
N ASP A 317 -10.92 -5.44 18.41
CA ASP A 317 -10.45 -4.11 17.92
C ASP A 317 -9.60 -4.30 16.66
N GLU A 318 -10.05 -5.20 15.78
CA GLU A 318 -9.47 -5.46 14.45
C GLU A 318 -10.59 -5.46 13.42
N PRO A 319 -11.14 -4.27 13.12
CA PRO A 319 -12.42 -4.19 12.45
C PRO A 319 -12.26 -4.50 10.96
N VAL A 320 -13.36 -4.95 10.35
CA VAL A 320 -13.43 -5.10 8.87
C VAL A 320 -14.07 -3.84 8.31
N ALA A 321 -13.97 -3.74 7.01
CA ALA A 321 -14.40 -2.57 6.23
C ALA A 321 -15.82 -2.79 5.74
N ASP A 322 -16.49 -1.70 5.49
CA ASP A 322 -17.75 -1.71 4.71
C ASP A 322 -17.42 -2.23 3.32
N PRO A 323 -18.40 -2.85 2.63
CA PRO A 323 -18.16 -3.29 1.26
C PRO A 323 -17.84 -2.09 0.36
N TYR A 324 -17.01 -2.35 -0.61
CA TYR A 324 -16.48 -1.37 -1.58
C TYR A 324 -16.92 -1.84 -2.96
N ASP A 325 -17.61 -0.96 -3.64
CA ASP A 325 -18.13 -1.27 -4.99
C ASP A 325 -17.03 -1.01 -6.01
N GLN A 326 -16.35 -2.03 -6.48
CA GLN A 326 -15.28 -1.80 -7.48
C GLN A 326 -15.78 -2.14 -8.87
N SER A 327 -17.10 -2.10 -9.06
CA SER A 327 -17.75 -2.47 -10.37
C SER A 327 -17.23 -1.49 -11.44
N PHE A 328 -16.84 -0.27 -11.07
CA PHE A 328 -16.32 0.72 -12.05
C PHE A 328 -15.04 0.22 -12.71
N GLU A 329 -14.27 -0.65 -12.06
CA GLU A 329 -12.97 -1.10 -12.60
C GLU A 329 -13.14 -1.78 -13.95
N SER A 330 -14.29 -2.39 -14.17
CA SER A 330 -14.59 -3.17 -15.40
C SER A 330 -15.14 -2.24 -16.50
N ARG A 331 -15.38 -0.96 -16.21
CA ARG A 331 -16.08 -0.05 -17.15
C ARG A 331 -15.10 0.69 -18.05
N ASP A 332 -15.49 0.86 -19.32
CA ASP A 332 -14.71 1.58 -20.36
C ASP A 332 -15.54 2.83 -20.74
N LEU A 333 -15.17 3.98 -20.22
CA LEU A 333 -16.01 5.20 -20.31
C LEU A 333 -15.13 6.29 -20.93
N LEU A 334 -15.75 7.39 -21.31
CA LEU A 334 -15.10 8.55 -21.91
C LEU A 334 -14.53 9.44 -20.80
N ILE A 335 -13.57 10.27 -21.17
CA ILE A 335 -12.94 11.21 -20.21
C ILE A 335 -14.01 11.97 -19.45
N ASP A 336 -14.97 12.60 -20.12
CA ASP A 336 -15.94 13.50 -19.45
C ASP A 336 -16.84 12.68 -18.53
N GLU A 337 -17.01 11.39 -18.81
CA GLU A 337 -17.81 10.53 -17.91
C GLU A 337 -17.04 10.29 -16.62
N TRP A 338 -15.78 9.86 -16.71
CA TRP A 338 -14.96 9.68 -15.50
C TRP A 338 -14.90 11.02 -14.77
N LYS A 339 -14.75 12.10 -15.52
CA LYS A 339 -14.68 13.44 -14.90
C LYS A 339 -15.96 13.69 -14.09
N SER A 340 -17.13 13.45 -14.68
CA SER A 340 -18.43 13.75 -14.04
C SER A 340 -18.57 12.87 -12.79
N LEU A 341 -18.15 11.59 -12.88
CA LEU A 341 -18.26 10.67 -11.72
C LEU A 341 -17.37 11.20 -10.62
N THR A 342 -16.18 11.69 -10.97
CA THR A 342 -15.20 12.22 -10.00
C THR A 342 -15.85 13.45 -9.33
N TYR A 343 -16.44 14.31 -10.14
CA TYR A 343 -17.13 15.53 -9.62
C TYR A 343 -18.21 15.12 -8.63
N ASP A 344 -19.02 14.12 -8.98
CA ASP A 344 -20.07 13.59 -8.08
C ASP A 344 -19.46 13.26 -6.72
N GLU A 345 -18.36 12.53 -6.74
CA GLU A 345 -17.68 12.09 -5.49
C GLU A 345 -17.13 13.28 -4.70
N VAL A 346 -16.64 14.32 -5.35
CA VAL A 346 -16.18 15.54 -4.62
C VAL A 346 -17.39 16.12 -3.88
N ILE A 347 -18.49 16.34 -4.61
CA ILE A 347 -19.73 16.97 -4.09
C ILE A 347 -20.31 16.16 -2.93
N SER A 348 -20.32 14.84 -3.02
CA SER A 348 -21.01 13.98 -2.01
C SER A 348 -20.13 13.76 -0.77
N PHE A 349 -18.87 14.22 -0.79
CA PHE A 349 -17.89 13.98 0.29
C PHE A 349 -18.47 14.52 1.60
N VAL A 350 -18.45 13.70 2.64
CA VAL A 350 -18.86 14.14 4.01
C VAL A 350 -17.62 14.02 4.88
N PRO A 351 -17.12 15.13 5.45
CA PRO A 351 -15.90 15.07 6.23
C PRO A 351 -16.11 14.21 7.47
N PRO A 352 -15.03 13.54 7.97
CA PRO A 352 -15.13 12.80 9.22
C PRO A 352 -15.39 13.81 10.33
N PRO A 353 -16.05 13.40 11.44
CA PRO A 353 -16.51 14.36 12.46
C PRO A 353 -15.36 14.95 13.27
NA NA B . 3.79 -6.07 -4.79
C1 LBE C . -1.75 12.91 0.42
C2 LBE C . -2.05 11.52 -0.03
C3 LBE C . -3.03 11.28 -0.98
C4 LBE C . -3.29 9.99 -1.42
C5 LBE C . -2.62 8.91 -0.89
C6 LBE C . -2.96 7.48 -1.19
C7 LBE C . -4.20 5.94 -2.62
C8 LBE C . -5.37 5.70 -1.65
C9 LBE C . -5.86 4.34 -1.61
C10 LBE C . -4.92 3.31 -1.09
C12 LBE C . -4.65 0.81 -0.82
C15 LBE C . -4.66 3.46 0.42
C16 LBE C . -1.63 9.14 0.05
C17 LBE C . -1.35 10.43 0.47
C21 LBE C . 4.74 11.14 4.72
C22 LBE C . 6.02 10.92 5.20
C23 LBE C . 6.85 11.98 5.50
C24 LBE C . 6.41 13.27 5.31
C25 LBE C . 5.14 13.51 4.82
C26 LBE C . 0.86 12.68 4.01
O1 LBE C . -2.59 6.59 -0.43
N1 LBE C . -3.65 7.24 -2.30
C14 LBE C . -3.83 2.31 0.95
C13 LBE C . -4.46 0.99 0.66
C11 LBE C . -5.49 1.94 -1.39
N LBE C . -0.85 12.93 1.57
C LBE C . 0.47 12.92 1.42
O LBE C . 1.03 12.93 0.32
C18 LBE C . 1.25 12.87 2.66
N4 LBE C . 1.91 12.56 4.82
N3 LBE C . 3.00 12.68 3.98
C19 LBE C . 2.64 12.89 2.69
N2 LBE C . 3.51 13.07 1.70
C20 LBE C . 4.30 12.44 4.52
C1 GOL D . 10.90 -25.19 9.69
O1 GOL D . 11.86 -25.04 10.73
C2 GOL D . 11.29 -26.29 8.73
O2 GOL D . 12.70 -26.34 8.59
C3 GOL D . 10.64 -26.15 7.37
O3 GOL D . 11.54 -25.61 6.40
#